data_6V56
#
_entry.id   6V56
#
_cell.length_a   89.546
_cell.length_b   89.546
_cell.length_c   132.780
_cell.angle_alpha   90.000
_cell.angle_beta   90.000
_cell.angle_gamma   90.000
#
_symmetry.space_group_name_H-M   'I 4 2 2'
#
loop_
_entity.id
_entity.type
_entity.pdbx_description
1 polymer 'Polymerase acidic protein,Polymerase acidic protein'
2 non-polymer 'benzyl (2S)-2-(4-{[2-(6-amino-9H-purin-9-yl)ethyl]carbamoyl}-5-hydroxy-6-oxo-1,6-dihydropyrimidin-2-yl)pyrrolidine-1-carboxylate'
3 non-polymer 'Hexa Vinylpyrrolidone K15'
4 non-polymer 'MANGANESE (II) ION'
5 non-polymer 'SULFATE ION'
6 water water
#
_entity_poly.entity_id   1
_entity_poly.type   'polypeptide(L)'
_entity_poly.pdbx_seq_one_letter_code
;MGSSHHHHHHSSGLVPRGSHMEDFVRQCFNPMIVELAEKAMKEYGEDPKIETNKFAAICTHLEVCFMYSDGGSKHRFEII
EGRDRIMAWTVVNSICNTTGVEKPKFLPDLYDYKENRFIEIGVTRREVHIYYLEKANKIKSEKTHIHIFSFTGEEMATKA
DYTLDEESRARIKTRLFTIRQEMASRSLWDSFRQSER
;
_entity_poly.pdbx_strand_id   A
#
loop_
_chem_comp.id
_chem_comp.type
_chem_comp.name
_chem_comp.formula
MN non-polymer 'MANGANESE (II) ION' 'Mn 2'
QPY non-polymer 'benzyl (2S)-2-(4-{[2-(6-amino-9H-purin-9-yl)ethyl]carbamoyl}-5-hydroxy-6-oxo-1,6-dihydropyrimidin-2-yl)pyrrolidine-1-carboxylate' 'C24 H25 N9 O5'
QQ4 non-polymer 'Hexa Vinylpyrrolidone K15' 'C36 H56 N6 O6'
SO4 non-polymer 'SULFATE ION' 'O4 S -2'
#
# COMPACT_ATOMS: atom_id res chain seq x y z
N SER A 19 22.96 -4.37 -4.37
CA SER A 19 23.07 -3.16 -3.58
C SER A 19 22.83 -3.43 -2.10
N HIS A 20 23.20 -2.45 -1.26
CA HIS A 20 22.96 -2.56 0.18
C HIS A 20 21.47 -2.48 0.48
N MET A 21 20.75 -1.61 -0.23
CA MET A 21 19.32 -1.48 -0.01
C MET A 21 18.62 -2.80 -0.33
N GLU A 22 19.01 -3.44 -1.43
CA GLU A 22 18.39 -4.71 -1.79
C GLU A 22 18.65 -5.77 -0.72
N ASP A 23 19.89 -5.86 -0.23
CA ASP A 23 20.17 -6.81 0.84
C ASP A 23 19.34 -6.52 2.07
N PHE A 24 19.14 -5.23 2.40
CA PHE A 24 18.33 -4.89 3.56
C PHE A 24 16.86 -5.23 3.35
N VAL A 25 16.32 -4.89 2.17
CA VAL A 25 14.92 -5.19 1.89
C VAL A 25 14.67 -6.68 2.02
N ARG A 26 15.59 -7.48 1.51
CA ARG A 26 15.43 -8.92 1.51
C ARG A 26 15.54 -9.51 2.91
N GLN A 27 16.36 -8.90 3.77
CA GLN A 27 16.53 -9.35 5.15
C GLN A 27 15.59 -8.64 6.11
N CYS A 28 14.77 -7.71 5.64
CA CYS A 28 13.85 -6.93 6.45
C CYS A 28 12.40 -7.38 6.33
N PHE A 29 11.98 -7.76 5.12
CA PHE A 29 10.62 -8.19 4.85
C PHE A 29 10.60 -9.70 4.66
N ASN A 30 9.43 -10.29 4.84
CA ASN A 30 9.42 -11.73 4.70
C ASN A 30 9.41 -12.13 3.23
N PRO A 31 9.95 -13.31 2.91
CA PRO A 31 10.19 -13.67 1.49
C PRO A 31 8.96 -13.62 0.60
N MET A 32 7.78 -13.98 1.11
CA MET A 32 6.58 -13.88 0.28
C MET A 32 6.35 -12.47 -0.19
N ILE A 33 6.56 -11.51 0.70
CA ILE A 33 6.36 -10.11 0.34
C ILE A 33 7.39 -9.69 -0.70
N VAL A 34 8.65 -10.07 -0.49
CA VAL A 34 9.72 -9.73 -1.42
C VAL A 34 9.42 -10.31 -2.81
N GLU A 35 8.88 -11.53 -2.85
CA GLU A 35 8.59 -12.18 -4.12
C GLU A 35 7.48 -11.45 -4.88
N LEU A 36 6.41 -11.07 -4.18
CA LEU A 36 5.33 -10.35 -4.85
C LEU A 36 5.81 -9.01 -5.39
N ALA A 37 6.72 -8.34 -4.68
CA ALA A 37 7.25 -7.09 -5.18
C ALA A 37 8.11 -7.30 -6.41
N GLU A 38 8.97 -8.32 -6.37
CA GLU A 38 9.78 -8.69 -7.53
C GLU A 38 8.91 -9.00 -8.74
N LYS A 39 7.87 -9.83 -8.55
CA LYS A 39 6.98 -10.14 -9.65
C LYS A 39 6.31 -8.89 -10.20
N ALA A 40 5.85 -8.01 -9.30
CA ALA A 40 5.16 -6.80 -9.73
C ALA A 40 6.10 -5.81 -10.42
N MET A 41 7.37 -5.76 -10.01
CA MET A 41 8.28 -4.83 -10.67
C MET A 41 8.71 -5.31 -12.05
N LYS A 42 9.11 -6.58 -12.16
CA LYS A 42 9.49 -7.10 -13.47
C LYS A 42 8.28 -7.14 -14.40
N GLU A 43 7.08 -7.26 -13.86
CA GLU A 43 5.90 -7.22 -14.71
C GLU A 43 5.73 -5.85 -15.35
N TYR A 44 6.38 -4.82 -14.79
CA TYR A 44 6.34 -3.48 -15.35
C TYR A 44 7.74 -3.02 -15.76
N GLY A 45 8.60 -3.99 -16.11
CA GLY A 45 9.89 -3.75 -16.71
C GLY A 45 10.99 -3.29 -15.78
N GLU A 46 10.71 -3.10 -14.49
CA GLU A 46 11.71 -2.63 -13.53
C GLU A 46 12.38 -3.78 -12.79
N ASP A 47 13.69 -3.61 -12.56
CA ASP A 47 14.51 -4.61 -11.87
C ASP A 47 14.78 -4.19 -10.44
N PRO A 48 14.42 -5.02 -9.44
CA PRO A 48 14.68 -4.67 -8.04
C PRO A 48 16.15 -4.45 -7.72
N LYS A 49 17.08 -5.03 -8.48
CA LYS A 49 18.50 -4.87 -8.17
C LYS A 49 19.05 -3.51 -8.57
N ILE A 50 18.35 -2.78 -9.43
CA ILE A 50 18.77 -1.45 -9.83
C ILE A 50 17.93 -0.43 -9.08
N GLU A 51 16.62 -0.47 -9.30
CA GLU A 51 15.67 0.46 -8.67
C GLU A 51 15.37 -0.01 -7.26
N THR A 52 16.40 0.01 -6.41
CA THR A 52 16.28 -0.57 -5.08
C THR A 52 15.38 0.26 -4.15
N ASN A 53 15.28 1.57 -4.36
CA ASN A 53 14.38 2.38 -3.54
C ASN A 53 12.92 2.05 -3.85
N LYS A 54 12.57 1.94 -5.13
CA LYS A 54 11.21 1.53 -5.47
C LYS A 54 10.94 0.10 -5.05
N PHE A 55 11.99 -0.71 -4.95
CA PHE A 55 11.86 -2.07 -4.42
C PHE A 55 11.45 -2.03 -2.95
N ALA A 56 12.11 -1.18 -2.17
CA ALA A 56 11.75 -0.98 -0.76
C ALA A 56 10.34 -0.44 -0.61
N ALA A 57 9.93 0.49 -1.47
CA ALA A 57 8.60 1.10 -1.34
C ALA A 57 7.49 0.11 -1.68
N ILE A 58 7.72 -0.80 -2.63
CA ILE A 58 6.67 -1.76 -2.97
C ILE A 58 6.53 -2.80 -1.86
N CYS A 59 7.64 -3.20 -1.25
CA CYS A 59 7.56 -4.14 -0.14
C CYS A 59 6.82 -3.52 1.05
N THR A 60 7.17 -2.27 1.39
CA THR A 60 6.47 -1.57 2.46
C THR A 60 4.98 -1.48 2.16
N HIS A 61 4.65 -1.01 0.95
CA HIS A 61 3.24 -0.86 0.57
C HIS A 61 2.53 -2.20 0.62
N LEU A 62 3.21 -3.28 0.19
CA LEU A 62 2.60 -4.60 0.22
C LEU A 62 2.30 -5.04 1.66
N GLU A 63 3.31 -4.96 2.55
CA GLU A 63 3.11 -5.39 3.92
C GLU A 63 1.99 -4.60 4.59
N VAL A 64 1.90 -3.31 4.28
CA VAL A 64 0.86 -2.48 4.89
C VAL A 64 -0.52 -2.94 4.43
N CYS A 65 -0.68 -3.20 3.13
CA CYS A 65 -1.94 -3.72 2.62
C CYS A 65 -2.33 -5.03 3.30
N PHE A 66 -1.36 -5.91 3.55
CA PHE A 66 -1.70 -7.20 4.15
C PHE A 66 -2.00 -7.08 5.64
N MET A 67 -1.23 -6.27 6.37
CA MET A 67 -1.62 -5.97 7.75
C MET A 67 -2.99 -5.30 7.78
N TYR A 68 -3.25 -4.39 6.83
CA TYR A 68 -4.56 -3.76 6.72
C TYR A 68 -5.65 -4.81 6.55
N SER A 69 -5.51 -5.66 5.53
CA SER A 69 -6.48 -6.73 5.27
C SER A 69 -6.62 -7.64 6.47
N ASP A 70 -5.55 -7.83 7.25
CA ASP A 70 -5.69 -8.67 8.42
C ASP A 70 -6.54 -7.96 9.47
N GLY A 71 -6.65 -6.64 9.34
CA GLY A 71 -7.37 -5.86 10.31
C GLY A 71 -8.87 -6.00 10.07
N GLY A 72 -9.63 -5.97 11.14
CA GLY A 72 -11.07 -6.14 11.07
C GLY A 72 -11.51 -7.58 11.24
N SER A 73 -12.71 -7.89 10.76
CA SER A 73 -13.19 -9.26 10.83
C SER A 73 -12.60 -10.20 9.78
N LYS A 74 -13.20 -11.39 9.70
CA LYS A 74 -12.86 -12.48 8.81
C LYS A 74 -13.34 -12.23 7.38
N HIS A 75 -12.57 -12.73 6.40
CA HIS A 75 -12.84 -12.51 4.98
C HIS A 75 -13.52 -11.18 4.64
N ARG A 76 -13.10 -10.09 5.29
CA ARG A 76 -13.75 -8.79 5.18
C ARG A 76 -13.27 -8.06 3.93
N PHE A 77 -11.99 -8.12 3.64
CA PHE A 77 -11.38 -7.34 2.58
C PHE A 77 -11.00 -8.31 1.47
N GLU A 78 -11.38 -7.97 0.24
CA GLU A 78 -10.89 -8.64 -0.94
C GLU A 78 -9.64 -7.90 -1.37
N ILE A 79 -8.49 -8.55 -1.18
CA ILE A 79 -7.20 -7.96 -1.52
C ILE A 79 -7.10 -7.88 -3.04
N ILE A 80 -6.86 -6.67 -3.54
CA ILE A 80 -6.62 -6.45 -4.95
C ILE A 80 -5.13 -6.35 -5.25
N GLU A 81 -4.38 -5.68 -4.38
CA GLU A 81 -2.94 -5.53 -4.60
C GLU A 81 -2.23 -6.87 -4.37
N GLY A 82 -1.14 -7.07 -5.11
CA GLY A 82 -0.35 -8.27 -5.04
C GLY A 82 -0.68 -9.29 -6.11
N ARG A 83 -1.86 -9.22 -6.71
CA ARG A 83 -2.18 -10.08 -7.83
C ARG A 83 -1.66 -9.45 -9.12
N ASP A 84 -1.54 -10.29 -10.16
CA ASP A 84 -1.18 -9.75 -11.45
C ASP A 84 -2.34 -8.94 -12.01
N ARG A 85 -2.01 -8.07 -12.97
CA ARG A 85 -2.95 -7.04 -13.42
C ARG A 85 -4.27 -7.64 -13.88
N ILE A 86 -4.21 -8.64 -14.77
CA ILE A 86 -5.43 -9.13 -15.40
C ILE A 86 -6.28 -9.92 -14.41
N MET A 87 -5.66 -10.61 -13.44
CA MET A 87 -6.47 -11.25 -12.41
C MET A 87 -7.04 -10.23 -11.43
N ALA A 88 -6.26 -9.18 -11.12
CA ALA A 88 -6.75 -8.12 -10.26
C ALA A 88 -7.96 -7.40 -10.86
N TRP A 89 -7.90 -7.08 -12.16
CA TRP A 89 -9.06 -6.48 -12.80
C TRP A 89 -10.22 -7.47 -12.92
N THR A 90 -9.92 -8.77 -13.04
CA THR A 90 -10.99 -9.75 -13.05
C THR A 90 -11.79 -9.72 -11.75
N VAL A 91 -11.09 -9.68 -10.61
CA VAL A 91 -11.78 -9.63 -9.33
C VAL A 91 -12.51 -8.31 -9.14
N VAL A 92 -11.96 -7.21 -9.68
CA VAL A 92 -12.63 -5.91 -9.57
C VAL A 92 -13.92 -5.91 -10.38
N ASN A 93 -13.85 -6.41 -11.62
CA ASN A 93 -15.05 -6.51 -12.45
C ASN A 93 -16.10 -7.36 -11.79
N SER A 94 -15.69 -8.42 -11.10
CA SER A 94 -16.66 -9.27 -10.41
C SER A 94 -17.29 -8.54 -9.25
N ILE A 95 -16.48 -7.82 -8.46
CA ILE A 95 -17.02 -7.04 -7.36
C ILE A 95 -17.98 -5.98 -7.89
N CYS A 96 -17.62 -5.31 -8.99
CA CYS A 96 -18.47 -4.28 -9.55
C CYS A 96 -19.81 -4.84 -10.03
N ASN A 97 -19.78 -5.95 -10.77
CA ASN A 97 -21.03 -6.50 -11.26
C ASN A 97 -21.79 -7.23 -10.15
N THR A 98 -21.11 -7.54 -9.05
CA THR A 98 -21.74 -8.19 -7.90
C THR A 98 -22.52 -7.16 -7.09
N THR A 99 -21.86 -6.08 -6.69
CA THR A 99 -22.45 -5.09 -5.82
C THR A 99 -23.13 -3.97 -6.58
N GLY A 100 -22.60 -3.58 -7.73
CA GLY A 100 -23.15 -2.49 -8.51
C GLY A 100 -22.39 -1.19 -8.42
N VAL A 101 -21.25 -1.19 -7.74
CA VAL A 101 -20.45 0.03 -7.61
C VAL A 101 -19.78 0.38 -8.93
N GLU A 102 -19.33 1.63 -9.02
CA GLU A 102 -18.74 2.14 -10.25
C GLU A 102 -17.35 1.55 -10.44
N LYS A 103 -17.00 1.28 -11.69
CA LYS A 103 -15.70 0.72 -12.01
C LYS A 103 -14.63 1.80 -11.91
N PRO A 104 -13.68 1.69 -10.99
CA PRO A 104 -12.68 2.76 -10.85
C PRO A 104 -11.76 2.79 -12.06
N LYS A 105 -11.18 3.96 -12.31
CA LYS A 105 -10.26 4.09 -13.43
C LYS A 105 -8.88 3.52 -13.12
N PHE A 106 -8.49 3.44 -11.85
CA PHE A 106 -7.20 2.91 -11.45
C PHE A 106 -7.38 1.75 -10.49
N LEU A 107 -6.45 0.80 -10.55
CA LEU A 107 -6.54 -0.41 -9.73
C LEU A 107 -6.40 -0.05 -8.27
N PRO A 108 -7.40 -0.33 -7.43
CA PRO A 108 -7.25 -0.08 -5.99
C PRO A 108 -6.47 -1.17 -5.31
N ASP A 109 -6.40 -1.12 -3.99
CA ASP A 109 -5.65 -2.09 -3.18
C ASP A 109 -6.55 -3.07 -2.45
N LEU A 110 -7.72 -2.64 -1.99
CA LEU A 110 -8.63 -3.49 -1.26
C LEU A 110 -10.06 -3.16 -1.68
N TYR A 111 -10.99 -4.03 -1.26
CA TYR A 111 -12.41 -3.71 -1.28
C TYR A 111 -13.00 -4.08 0.06
N ASP A 112 -13.78 -3.16 0.64
CA ASP A 112 -14.38 -3.36 1.94
C ASP A 112 -15.80 -3.90 1.75
N TYR A 113 -15.99 -5.19 2.06
CA TYR A 113 -17.34 -5.75 1.96
C TYR A 113 -18.26 -5.19 3.04
N LYS A 114 -17.70 -4.73 4.16
CA LYS A 114 -18.51 -4.18 5.24
C LYS A 114 -19.04 -2.79 4.89
N GLU A 115 -18.19 -1.95 4.30
CA GLU A 115 -18.56 -0.58 3.92
C GLU A 115 -18.89 -0.42 2.44
N ASN A 116 -18.64 -1.44 1.62
CA ASN A 116 -18.98 -1.44 0.20
C ASN A 116 -18.23 -0.33 -0.56
N ARG A 117 -16.90 -0.38 -0.47
CA ARG A 117 -16.08 0.60 -1.18
C ARG A 117 -14.69 0.07 -1.42
N PHE A 118 -14.10 0.42 -2.56
CA PHE A 118 -12.71 0.14 -2.82
C PHE A 118 -11.83 1.08 -1.99
N ILE A 119 -10.60 0.63 -1.72
CA ILE A 119 -9.67 1.37 -0.88
C ILE A 119 -8.34 1.49 -1.61
N GLU A 120 -7.81 2.71 -1.68
CA GLU A 120 -6.46 2.94 -2.14
C GLU A 120 -5.60 3.20 -0.92
N ILE A 121 -4.54 2.41 -0.77
CA ILE A 121 -3.64 2.51 0.37
C ILE A 121 -2.37 3.18 -0.11
N GLY A 122 -1.91 4.17 0.63
CA GLY A 122 -0.69 4.88 0.28
C GLY A 122 0.25 4.93 1.45
N VAL A 123 1.54 4.80 1.14
CA VAL A 123 2.61 4.90 2.13
C VAL A 123 3.58 5.93 1.58
N THR A 124 3.68 7.07 2.27
CA THR A 124 4.41 8.22 1.77
C THR A 124 5.54 8.62 2.70
N ARG A 125 6.43 9.45 2.16
CA ARG A 125 7.52 10.08 2.91
C ARG A 125 7.35 11.60 2.91
N ARG A 126 6.14 12.07 2.64
CA ARG A 126 5.89 13.50 2.73
C ARG A 126 4.81 13.79 3.76
N GLU A 127 4.17 14.96 3.66
CA GLU A 127 3.02 15.26 4.49
C GLU A 127 1.81 14.45 4.00
N VAL A 128 1.08 13.87 4.94
CA VAL A 128 -0.13 13.13 4.58
C VAL A 128 -1.12 13.99 3.81
N HIS A 129 -1.10 15.31 4.00
CA HIS A 129 -1.98 16.17 3.22
C HIS A 129 -1.59 16.24 1.75
N ILE A 130 -0.30 16.44 1.47
CA ILE A 130 0.18 16.48 0.08
C ILE A 130 -0.10 15.18 -0.66
N TYR A 131 0.32 14.05 -0.08
CA TYR A 131 0.13 12.78 -0.79
C TYR A 131 -1.34 12.44 -0.90
N TYR A 132 -2.16 12.80 0.08
CA TYR A 132 -3.60 12.61 -0.06
C TYR A 132 -4.13 13.42 -1.24
N LEU A 133 -3.67 14.68 -1.36
CA LEU A 133 -4.15 15.56 -2.42
C LEU A 133 -3.80 15.02 -3.80
N GLU A 134 -2.58 14.52 -3.96
CA GLU A 134 -2.16 13.89 -5.21
C GLU A 134 -3.04 12.69 -5.56
N LYS A 135 -3.31 11.82 -4.58
CA LYS A 135 -4.10 10.62 -4.86
C LYS A 135 -5.56 10.97 -5.11
N ALA A 136 -6.12 11.87 -4.30
CA ALA A 136 -7.55 12.21 -4.42
C ALA A 136 -7.86 12.87 -5.76
N ASN A 137 -6.94 13.67 -6.29
CA ASN A 137 -7.15 14.30 -7.58
C ASN A 137 -6.89 13.36 -8.75
N LYS A 138 -5.96 12.41 -8.58
CA LYS A 138 -5.69 11.46 -9.65
C LYS A 138 -6.82 10.44 -9.80
N ILE A 139 -7.41 10.01 -8.68
CA ILE A 139 -8.49 9.02 -8.75
C ILE A 139 -9.70 9.62 -9.47
N LYS A 140 -10.25 10.68 -8.91
CA LYS A 140 -11.39 11.40 -9.50
C LYS A 140 -12.55 10.45 -9.78
N SER A 141 -12.74 9.49 -8.88
CA SER A 141 -13.86 8.57 -8.93
C SER A 141 -14.87 8.81 -7.81
N GLU A 142 -14.47 9.58 -6.78
CA GLU A 142 -15.34 10.00 -5.68
C GLU A 142 -15.74 8.85 -4.76
N LYS A 143 -16.08 7.69 -5.34
CA LYS A 143 -16.53 6.55 -4.56
C LYS A 143 -15.39 5.76 -3.93
N THR A 144 -14.18 5.83 -4.49
CA THR A 144 -13.06 5.05 -3.98
C THR A 144 -12.50 5.70 -2.72
N HIS A 145 -12.47 4.94 -1.63
CA HIS A 145 -11.96 5.42 -0.36
C HIS A 145 -10.44 5.45 -0.34
N ILE A 146 -9.87 6.46 0.31
CA ILE A 146 -8.44 6.74 0.32
C ILE A 146 -7.96 6.74 1.77
N HIS A 147 -6.79 6.15 1.99
CA HIS A 147 -6.22 6.04 3.34
C HIS A 147 -4.71 6.11 3.22
N ILE A 148 -4.11 7.14 3.82
CA ILE A 148 -2.69 7.42 3.68
C ILE A 148 -1.99 7.21 5.01
N PHE A 149 -0.84 6.52 4.96
CA PHE A 149 0.09 6.38 6.07
C PHE A 149 1.42 7.05 5.74
N SER A 150 2.14 7.42 6.79
CA SER A 150 3.45 8.04 6.67
C SER A 150 4.43 7.25 7.53
N PHE A 151 5.72 7.48 7.28
CA PHE A 151 6.77 6.82 8.07
C PHE A 151 7.02 7.46 9.42
N THR A 152 6.14 8.36 9.88
CA THR A 152 6.29 9.03 11.15
C THR A 152 5.10 8.82 12.08
N GLY A 153 4.13 7.99 11.71
CA GLY A 153 3.00 7.75 12.57
C GLY A 153 1.75 8.54 12.23
N GLU A 154 1.76 9.28 11.13
CA GLU A 154 0.63 10.13 10.76
C GLU A 154 -0.25 9.36 9.77
N GLU A 155 -1.54 9.68 9.79
CA GLU A 155 -2.48 9.06 8.86
C GLU A 155 -3.57 10.05 8.48
N MET A 156 -4.07 9.91 7.26
CA MET A 156 -5.20 10.69 6.77
C MET A 156 -6.10 9.80 5.95
N ALA A 157 -7.41 9.93 6.15
CA ALA A 157 -8.37 9.05 5.49
C ALA A 157 -9.61 9.84 5.08
N THR A 158 -10.25 9.39 4.00
CA THR A 158 -11.43 10.04 3.47
C THR A 158 -12.52 10.16 4.55
N LYS A 159 -13.19 11.31 4.57
CA LYS A 159 -14.29 11.60 5.52
C LYS A 159 -13.89 11.33 6.97
N ALA A 160 -12.60 11.43 7.27
CA ALA A 160 -12.05 11.04 8.57
C ALA A 160 -12.49 9.64 8.99
N ASP A 161 -12.90 8.81 8.04
CA ASP A 161 -13.39 7.45 8.31
C ASP A 161 -12.22 6.50 8.07
N TYR A 162 -11.64 5.99 9.16
CA TYR A 162 -10.41 5.22 9.10
C TYR A 162 -10.65 3.72 8.99
N THR A 163 -11.88 3.30 8.71
CA THR A 163 -12.22 1.92 8.38
C THR A 163 -11.95 0.94 9.51
N LEU A 164 -10.69 0.81 9.92
CA LEU A 164 -10.28 -0.16 10.93
C LEU A 164 -10.24 0.48 12.31
N ASP A 165 -10.11 -0.36 13.33
CA ASP A 165 -9.93 0.13 14.69
C ASP A 165 -8.57 0.76 14.89
N GLU A 166 -8.46 1.52 15.99
CA GLU A 166 -7.22 2.23 16.30
C GLU A 166 -6.04 1.29 16.48
N GLU A 167 -6.25 0.17 17.17
CA GLU A 167 -5.15 -0.74 17.47
C GLU A 167 -4.51 -1.31 16.21
N SER A 168 -5.31 -1.60 15.18
CA SER A 168 -4.76 -2.14 13.95
C SER A 168 -3.96 -1.07 13.21
N ARG A 169 -4.50 0.13 13.14
CA ARG A 169 -3.79 1.24 12.50
C ARG A 169 -2.50 1.59 13.23
N ALA A 170 -2.50 1.47 14.56
CA ALA A 170 -1.30 1.80 15.32
C ALA A 170 -0.17 0.82 15.07
N ARG A 171 -0.50 -0.44 14.80
CA ARG A 171 0.54 -1.41 14.45
C ARG A 171 1.22 -1.05 13.14
N ILE A 172 0.42 -0.68 12.13
CA ILE A 172 0.99 -0.28 10.84
C ILE A 172 1.94 0.90 11.03
N LYS A 173 1.48 1.93 11.75
CA LYS A 173 2.32 3.11 11.99
C LYS A 173 3.60 2.70 12.70
N THR A 174 3.48 1.87 13.74
CA THR A 174 4.64 1.38 14.46
C THR A 174 5.59 0.62 13.54
N ARG A 175 5.04 -0.26 12.69
CA ARG A 175 5.86 -1.02 11.75
C ARG A 175 6.60 -0.08 10.79
N LEU A 176 5.89 0.91 10.24
CA LEU A 176 6.53 1.87 9.35
C LEU A 176 7.70 2.56 10.01
N PHE A 177 7.53 3.00 11.26
CA PHE A 177 8.62 3.68 11.95
C PHE A 177 9.77 2.74 12.27
N THR A 178 9.46 1.46 12.50
CA THR A 178 10.51 0.47 12.70
C THR A 178 11.34 0.30 11.43
N ILE A 179 10.68 0.30 10.27
CA ILE A 179 11.37 0.20 8.99
C ILE A 179 12.26 1.43 8.76
N ARG A 180 11.74 2.61 9.10
CA ARG A 180 12.51 3.85 8.95
C ARG A 180 13.81 3.81 9.76
N GLN A 181 13.75 3.35 11.01
CA GLN A 181 14.96 3.30 11.81
C GLN A 181 15.96 2.31 11.24
N GLU A 182 15.49 1.18 10.73
CA GLU A 182 16.40 0.18 10.19
C GLU A 182 17.17 0.74 8.99
N MET A 183 16.48 1.45 8.09
CA MET A 183 17.15 2.10 6.96
C MET A 183 18.18 3.12 7.43
N ALA A 184 17.81 3.94 8.43
CA ALA A 184 18.70 4.99 8.90
C ALA A 184 19.97 4.43 9.53
N SER A 185 19.83 3.37 10.33
CA SER A 185 21.01 2.69 10.88
C SER A 185 21.98 2.25 9.80
N ARG A 186 21.47 1.92 8.62
CA ARG A 186 22.28 1.59 7.46
C ARG A 186 22.50 2.78 6.55
N SER A 187 22.13 3.98 7.00
CA SER A 187 22.34 5.22 6.27
C SER A 187 21.64 5.20 4.91
N LEU A 188 20.50 4.52 4.85
CA LEU A 188 19.71 4.42 3.63
C LEU A 188 18.43 5.25 3.69
N TRP A 189 18.06 5.75 4.87
CA TRP A 189 16.77 6.41 5.00
C TRP A 189 16.75 7.75 4.28
N ASP A 190 17.87 8.45 4.27
CA ASP A 190 17.93 9.78 3.66
C ASP A 190 17.70 9.68 2.17
N SER A 191 18.46 8.82 1.50
CA SER A 191 18.28 8.61 0.07
C SER A 191 16.91 8.02 -0.24
N PHE A 192 16.31 7.28 0.70
CA PHE A 192 14.99 6.72 0.41
C PHE A 192 13.91 7.78 0.43
N ARG A 193 13.96 8.74 1.37
CA ARG A 193 12.93 9.77 1.34
C ARG A 193 13.17 10.75 0.20
N GLN A 194 14.43 10.94 -0.18
CA GLN A 194 14.80 11.84 -1.27
C GLN A 194 14.69 11.11 -2.60
N SER A 195 13.77 10.14 -2.68
CA SER A 195 13.58 9.32 -3.86
C SER A 195 12.13 9.10 -4.24
N GLU A 196 11.17 9.37 -3.35
CA GLU A 196 9.76 9.15 -3.65
C GLU A 196 9.21 10.24 -4.56
C15 QPY B . 3.61 3.12 -6.10
C17 QPY B . 2.64 0.72 -6.77
C1 QPY B . -0.02 2.99 -4.63
C10 QPY B . 3.85 -2.06 -9.39
C11 QPY B . 4.28 -0.37 -10.96
C12 QPY B . 0.68 4.02 -6.71
C13 QPY B . 1.40 5.13 -7.47
C14 QPY B . 3.29 3.56 -8.45
C16 QPY B . 3.46 1.62 -5.84
C18 QPY B . 2.52 -0.56 -6.51
C19 QPY B . 3.15 -1.16 -5.25
C2 QPY B . -0.58 1.89 -5.41
C20 QPY B . 3.83 -0.38 -4.44
C21 QPY B . 3.98 1.11 -4.75
C22 QPY B . 1.47 4.82 -9.82
C23 QPY B . 0.51 5.99 -9.54
C24 QPY B . 0.39 6.10 -8.04
C3 QPY B . -0.47 1.89 -6.80
C4 QPY B . -1.01 0.75 -7.67
C5 QPY B . -1.37 -0.18 -9.98
C6 QPY B . -0.33 -1.26 -10.28
C7 QPY B . 0.87 0.28 -11.68
C8 QPY B . 2.95 -0.24 -11.12
C9 QPY B . 2.09 -1.02 -10.42
N1 QPY B . 0.59 4.03 -5.28
N2 QPY B . -0.86 0.88 -9.12
N3 QPY B . 0.90 -0.66 -10.77
N4 QPY B . 2.15 0.68 -12.01
N5 QPY B . 2.50 -1.93 -9.55
N6 QPY B . 4.71 -1.28 -10.09
N7 QPY B . 5.20 0.45 -11.70
N8 QPY B . 0.17 2.95 -7.44
N9 QPY B . 2.14 4.46 -8.55
O1 QPY B . -0.13 3.01 -3.24
O2 QPY B . -1.22 0.83 -4.74
O3 QPY B . -1.58 -0.16 -7.21
O4 QPY B . 4.16 3.45 -7.34
O5 QPY B . 3.52 2.87 -9.39
C12 QQ4 C . -0.86 -16.34 -1.72
C11 QQ4 C . -1.84 -15.34 -1.13
C10 QQ4 C . 1.09 -17.84 7.57
C01 QQ4 C . -1.16 -13.98 -0.92
C02 QQ4 C . -0.67 -13.80 0.54
C03 QQ4 C . -1.63 -13.32 1.64
C04 QQ4 C . -0.79 -12.65 2.75
C05 QQ4 C . -1.02 -13.18 4.17
C06 QQ4 C . -0.01 -14.29 4.51
C07 QQ4 C . 0.22 -14.58 6.00
C08 QQ4 C . 1.15 -15.78 6.16
C09 QQ4 C . 1.17 -16.31 7.60
C19 QQ4 C . -2.28 -17.08 -5.19
C20 QQ4 C . -0.92 -16.48 -5.47
C21 QQ4 C . -0.15 -16.68 -4.17
C22 QQ4 C . -1.57 -12.01 -2.53
C23 QQ4 C . -3.42 -12.68 -1.21
C24 QQ4 C . -3.87 -11.53 -2.10
C25 QQ4 C . -2.83 -11.48 -3.20
C26 QQ4 C . -2.10 -15.82 2.17
C27 QQ4 C . -3.15 -16.54 3.01
C28 QQ4 C . -4.35 -15.61 3.05
C29 QQ4 C . -3.81 -14.25 2.64
C30 QQ4 C . 0.16 -11.35 5.67
C31 QQ4 C . -0.34 -10.31 6.65
C32 QQ4 C . -1.73 -10.75 7.00
C33 QQ4 C . -2.20 -11.51 5.77
C34 QQ4 C . -2.15 -15.72 6.27
C35 QQ4 C . -3.36 -15.30 7.11
C36 QQ4 C . -2.82 -14.63 8.32
C37 QQ4 C . -1.45 -14.14 7.93
C38 QQ4 C . 3.45 -16.81 8.74
C39 QQ4 C . 2.75 -14.54 8.66
C40 QQ4 C . 4.09 -14.59 9.37
C41 QQ4 C . 4.22 -16.03 9.81
C42 QQ4 C . -2.47 -16.85 -3.71
N02 QQ4 C . -1.15 -16.60 -3.11
N03 QQ4 C . -2.01 -12.95 -1.50
N04 QQ4 C . -2.46 -14.41 2.13
N05 QQ4 C . -1.01 -12.08 5.14
N06 QQ4 C . -1.04 -14.80 6.69
N07 QQ4 C . 2.38 -15.91 8.29
O02 QQ4 C . -4.11 -13.26 -0.44
O03 QQ4 C . -4.39 -13.22 2.73
O04 QQ4 C . 1.30 -11.54 5.39
O05 QQ4 C . -3.51 -16.87 -3.14
O06 QQ4 C . -0.80 -13.35 8.54
O07 QQ4 C . 2.11 -13.57 8.44
MN MN D . -1.83 1.78 -2.98
MN MN E . -2.00 -0.94 -5.60
S SO4 F . 15.35 4.00 -7.21
O1 SO4 F . 15.43 4.30 -8.64
O2 SO4 F . 16.45 3.13 -6.83
O3 SO4 F . 15.42 5.25 -6.47
O4 SO4 F . 14.08 3.33 -6.93
#